data_4DGU
#
_entry.id   4DGU
#
_cell.length_a   83.549
_cell.length_b   127.510
_cell.length_c   110.729
_cell.angle_alpha   90.000
_cell.angle_beta   90.000
_cell.angle_gamma   90.000
#
_symmetry.space_group_name_H-M   'C 2 2 21'
#
loop_
_entity.id
_entity.type
_entity.pdbx_description
1 polymer 'putative cell adhesion protein'
2 non-polymer 'ZINC ION'
3 non-polymer 'CHLORIDE ION'
4 water water
#
_entity_poly.entity_id   1
_entity_poly.type   'polypeptide(L)'
_entity_poly.pdbx_seq_one_letter_code
;GDELQETSKEATNFSISIDDALSDPLTRTSNDLFPARNSITTGEVIS(MSE)AASGQDYTPFIVGKDSRAWNEIGTATGT
VTFYAHYPALTDEAATRSGGNKRYLKGGQEHLFGTAEAAPGSQNVSLKFKR(MSE)TVPVIILDENDRPYEGEAKVELSL
KNEGTQDLLNGTIEINENALSENIEVKKVSEGVTTNVLPQKINAGEEIGTITVGGVTQKISAVEDLDLKAGSTLSVRLSK
KFGGGIIDGNVPLYR
;
_entity_poly.pdbx_strand_id   A,B
#
# COMPACT_ATOMS: atom_id res chain seq x y z
N THR A 12 46.63 19.00 15.12
CA THR A 12 47.44 17.80 15.24
C THR A 12 46.53 16.57 15.33
N ASN A 13 45.53 16.64 16.24
CA ASN A 13 44.51 15.61 16.47
C ASN A 13 43.12 16.12 16.15
N PHE A 14 42.18 15.19 15.90
CA PHE A 14 40.80 15.54 15.62
C PHE A 14 39.84 14.77 16.51
N SER A 15 38.71 15.40 16.86
CA SER A 15 37.66 14.76 17.63
C SER A 15 36.58 14.27 16.65
N ILE A 16 35.73 13.36 17.10
CA ILE A 16 34.65 12.81 16.29
C ILE A 16 33.30 13.24 16.90
N SER A 17 32.33 13.54 16.01
CA SER A 17 30.94 13.85 16.35
C SER A 17 30.05 12.88 15.58
N ILE A 18 29.01 12.38 16.23
CA ILE A 18 28.09 11.39 15.67
C ILE A 18 26.89 12.09 15.06
N ASP A 19 26.78 12.04 13.75
CA ASP A 19 25.67 12.67 13.06
C ASP A 19 24.94 11.60 12.25
N ASP A 20 23.85 11.98 11.55
CA ASP A 20 23.05 11.04 10.76
C ASP A 20 23.20 11.30 9.29
N ALA A 21 23.14 10.24 8.47
CA ALA A 21 23.17 10.39 7.01
C ALA A 21 21.82 10.93 6.55
N LEU A 22 21.85 11.74 5.47
CA LEU A 22 20.65 12.32 4.88
C LEU A 22 20.03 11.48 3.83
N SER A 23 18.73 11.72 3.67
CA SER A 23 17.92 11.23 2.57
C SER A 23 17.25 12.49 2.03
N ASP A 24 16.29 12.31 1.12
CA ASP A 24 15.49 13.40 0.57
C ASP A 24 14.78 14.18 1.71
N PRO A 25 14.57 15.51 1.60
CA PRO A 25 13.89 16.28 2.66
C PRO A 25 12.49 15.77 3.04
N LEU A 26 11.79 15.08 2.13
CA LEU A 26 10.45 14.60 2.43
C LEU A 26 10.44 13.16 2.91
N THR A 27 11.60 12.49 2.96
CA THR A 27 11.52 11.08 3.36
C THR A 27 11.94 10.78 4.82
N ARG A 28 11.13 9.97 5.45
CA ARG A 28 11.36 9.43 6.78
C ARG A 28 12.46 8.35 6.69
N THR A 29 13.46 8.45 7.55
CA THR A 29 14.53 7.46 7.74
C THR A 29 14.41 7.03 9.17
N SER A 30 14.95 5.85 9.51
CA SER A 30 14.93 5.35 10.89
C SER A 30 15.72 6.29 11.82
N ASN A 31 16.64 7.10 11.25
CA ASN A 31 17.46 8.08 11.97
C ASN A 31 16.59 9.12 12.65
N ASP A 32 15.43 9.47 12.02
CA ASP A 32 14.48 10.45 12.54
C ASP A 32 13.93 10.03 13.91
N LEU A 33 13.59 8.74 14.03
CA LEU A 33 12.98 8.12 15.20
C LEU A 33 14.04 7.71 16.17
N PHE A 34 15.15 7.15 15.63
CA PHE A 34 16.29 6.63 16.36
C PHE A 34 17.58 7.32 15.90
N PRO A 35 17.87 8.55 16.39
CA PRO A 35 19.11 9.25 15.98
C PRO A 35 20.38 8.49 16.32
N ALA A 36 21.39 8.48 15.43
CA ALA A 36 22.66 7.75 15.66
C ALA A 36 23.31 8.16 16.99
N ARG A 37 23.23 9.48 17.38
CA ARG A 37 23.80 10.01 18.62
CA ARG A 37 23.83 9.96 18.62
C ARG A 37 23.16 9.37 19.88
N ASN A 38 21.95 8.77 19.74
CA ASN A 38 21.26 8.13 20.87
C ASN A 38 21.78 6.69 21.07
N SER A 39 22.40 6.09 20.04
CA SER A 39 23.03 4.76 20.06
C SER A 39 24.50 4.87 20.37
N ILE A 40 25.20 5.75 19.63
CA ILE A 40 26.63 5.96 19.78
C ILE A 40 26.84 7.16 20.71
N THR A 41 26.74 6.88 22.01
CA THR A 41 26.89 7.85 23.09
C THR A 41 28.36 7.86 23.57
N THR A 42 28.69 8.77 24.50
CA THR A 42 30.03 8.86 25.07
C THR A 42 30.37 7.50 25.72
N GLY A 43 31.56 7.00 25.42
CA GLY A 43 32.05 5.73 25.93
C GLY A 43 31.82 4.57 24.99
N GLU A 44 30.96 4.74 23.98
CA GLU A 44 30.73 3.70 22.98
C GLU A 44 31.95 3.63 22.05
N VAL A 45 32.30 2.41 21.64
CA VAL A 45 33.45 2.14 20.77
C VAL A 45 32.95 1.84 19.33
N ILE A 46 33.61 2.48 18.34
CA ILE A 46 33.39 2.29 16.90
C ILE A 46 34.70 1.82 16.26
N SER A 47 34.61 1.10 15.13
CA SER A 47 35.75 0.71 14.32
C SER A 47 35.86 1.77 13.25
N ALA A 49 38.32 3.74 10.16
CA ALA A 49 39.45 3.68 9.23
C ALA A 49 39.40 4.81 8.20
N ALA A 50 40.57 5.23 7.74
CA ALA A 50 40.71 6.12 6.62
C ALA A 50 40.75 5.21 5.41
N SER A 51 40.28 5.70 4.24
CA SER A 51 40.26 4.91 3.01
C SER A 51 41.60 4.18 2.77
N GLY A 52 41.50 2.90 2.43
CA GLY A 52 42.64 2.04 2.15
C GLY A 52 43.43 1.56 3.36
N GLN A 53 42.86 1.70 4.58
CA GLN A 53 43.51 1.36 5.86
C GLN A 53 42.65 0.43 6.68
N ASP A 54 43.21 -0.15 7.76
CA ASP A 54 42.48 -1.08 8.63
C ASP A 54 41.65 -0.33 9.63
N TYR A 55 40.50 -0.94 10.03
CA TYR A 55 39.62 -0.40 11.05
C TYR A 55 40.28 -0.54 12.43
N THR A 56 40.34 0.54 13.19
CA THR A 56 40.93 0.54 14.53
C THR A 56 39.86 1.07 15.51
N PRO A 57 39.85 0.61 16.77
CA PRO A 57 38.83 1.10 17.71
C PRO A 57 39.00 2.58 18.04
N PHE A 58 37.88 3.26 18.32
CA PHE A 58 37.80 4.67 18.72
C PHE A 58 36.69 4.84 19.76
N ILE A 59 37.04 5.38 20.96
CA ILE A 59 36.08 5.62 22.05
C ILE A 59 35.46 7.00 21.84
N VAL A 60 34.17 7.01 21.56
CA VAL A 60 33.41 8.23 21.25
C VAL A 60 33.28 9.11 22.50
N GLY A 61 33.46 10.41 22.30
CA GLY A 61 33.40 11.46 23.31
C GLY A 61 34.59 11.46 24.26
N LYS A 62 35.62 10.64 23.96
CA LYS A 62 36.80 10.51 24.80
C LYS A 62 38.09 10.58 23.95
N ASP A 63 38.20 9.73 22.92
CA ASP A 63 39.38 9.65 22.07
C ASP A 63 39.52 10.85 21.13
N SER A 64 40.72 10.97 20.60
CA SER A 64 41.17 11.91 19.58
C SER A 64 42.11 11.12 18.70
N ARG A 65 42.03 11.32 17.38
CA ARG A 65 42.91 10.60 16.49
C ARG A 65 43.93 11.56 15.89
N ALA A 66 45.19 11.10 15.75
CA ALA A 66 46.30 11.82 15.13
C ALA A 66 46.02 12.01 13.62
N TRP A 67 46.37 13.17 13.05
CA TRP A 67 46.12 13.41 11.64
C TRP A 67 47.15 12.68 10.70
N ASN A 68 47.97 11.77 11.25
CA ASN A 68 48.91 10.96 10.46
C ASN A 68 48.21 9.71 9.95
N GLU A 69 47.32 9.14 10.79
CA GLU A 69 46.51 7.97 10.48
C GLU A 69 45.47 8.34 9.43
N ILE A 70 45.92 8.50 8.16
CA ILE A 70 45.05 8.90 7.02
C ILE A 70 45.42 8.15 5.74
N GLY A 71 46.34 7.21 5.84
CA GLY A 71 46.82 6.46 4.68
C GLY A 71 47.67 7.30 3.74
N THR A 72 47.36 7.22 2.43
CA THR A 72 48.09 7.96 1.39
C THR A 72 47.19 9.09 0.83
N ALA A 73 46.21 9.53 1.64
CA ALA A 73 45.32 10.62 1.30
C ALA A 73 46.05 11.95 1.39
N THR A 74 45.60 12.90 0.55
CA THR A 74 46.02 14.30 0.53
C THR A 74 44.80 15.17 0.11
N GLY A 75 44.75 16.39 0.65
CA GLY A 75 43.65 17.31 0.41
C GLY A 75 42.46 16.99 1.28
N THR A 76 41.70 15.94 0.90
CA THR A 76 40.55 15.45 1.66
C THR A 76 40.73 13.97 1.96
N VAL A 77 40.34 13.58 3.19
CA VAL A 77 40.39 12.22 3.71
C VAL A 77 38.99 11.71 3.90
N THR A 78 38.76 10.47 3.48
CA THR A 78 37.48 9.81 3.69
C THR A 78 37.65 8.81 4.82
N PHE A 79 36.75 8.89 5.84
CA PHE A 79 36.71 7.98 6.96
C PHE A 79 35.49 7.07 6.84
N TYR A 80 35.59 5.85 7.39
CA TYR A 80 34.57 4.82 7.41
C TYR A 80 34.46 4.27 8.80
N ALA A 81 33.25 4.05 9.30
CA ALA A 81 33.09 3.58 10.66
C ALA A 81 31.95 2.58 10.80
N HIS A 82 32.15 1.56 11.66
CA HIS A 82 31.14 0.55 12.01
C HIS A 82 30.77 0.69 13.47
N TYR A 83 29.45 0.59 13.74
CA TYR A 83 28.90 0.57 15.09
C TYR A 83 27.82 -0.51 15.15
N PRO A 84 27.93 -1.49 16.07
CA PRO A 84 29.02 -1.71 17.07
C PRO A 84 30.38 -2.02 16.40
N ALA A 85 31.50 -1.95 17.16
CA ALA A 85 32.86 -2.22 16.65
C ALA A 85 32.99 -3.66 16.08
N LEU A 86 33.90 -3.83 15.10
CA LEU A 86 34.17 -5.12 14.46
C LEU A 86 35.06 -6.00 15.32
N THR A 87 35.12 -7.31 14.93
CA THR A 87 36.02 -8.33 15.47
C THR A 87 37.45 -8.01 14.94
N ASP A 88 38.52 -8.50 15.60
CA ASP A 88 39.93 -8.23 15.22
C ASP A 88 40.23 -8.72 13.76
N GLU A 89 39.57 -9.84 13.34
CA GLU A 89 39.68 -10.43 11.99
C GLU A 89 39.00 -9.54 10.91
N ALA A 90 37.79 -8.98 11.21
CA ALA A 90 37.00 -8.12 10.29
C ALA A 90 37.63 -6.71 10.11
N ALA A 91 38.28 -6.17 11.17
CA ALA A 91 38.98 -4.87 11.16
C ALA A 91 40.08 -4.81 10.07
N THR A 92 40.79 -5.95 9.85
CA THR A 92 41.85 -6.11 8.84
C THR A 92 41.23 -6.32 7.45
N ASN A 97 36.93 -8.27 3.45
CA ASN A 97 36.01 -7.66 2.48
C ASN A 97 34.53 -7.71 2.96
N LYS A 98 34.06 -8.89 3.42
CA LYS A 98 32.70 -9.15 3.87
C LYS A 98 32.67 -9.94 5.17
N ARG A 99 31.54 -9.93 5.89
CA ARG A 99 31.37 -10.71 7.13
C ARG A 99 29.94 -11.21 7.23
N TYR A 100 29.72 -12.29 8.00
CA TYR A 100 28.37 -12.80 8.18
C TYR A 100 27.73 -12.13 9.38
N LEU A 101 26.45 -11.81 9.26
CA LEU A 101 25.69 -11.10 10.27
C LEU A 101 24.33 -11.74 10.57
N LYS A 102 23.79 -11.46 11.78
CA LYS A 102 22.47 -11.89 12.23
C LYS A 102 21.63 -10.68 12.70
N GLY A 103 20.31 -10.84 12.73
CA GLY A 103 19.39 -9.83 13.21
C GLY A 103 19.40 -9.70 14.72
N GLY A 104 18.67 -8.70 15.21
CA GLY A 104 18.55 -8.37 16.62
C GLY A 104 19.16 -7.02 16.91
N GLN A 105 20.48 -7.00 17.10
CA GLN A 105 21.28 -5.80 17.39
C GLN A 105 21.42 -4.99 16.10
N GLU A 106 21.19 -3.67 16.20
CA GLU A 106 21.34 -2.73 15.09
C GLU A 106 22.80 -2.64 14.64
N HIS A 107 23.02 -2.32 13.35
CA HIS A 107 24.33 -2.13 12.75
C HIS A 107 24.31 -0.87 11.92
N LEU A 108 25.21 0.04 12.27
CA LEU A 108 25.35 1.35 11.65
C LEU A 108 26.70 1.48 10.96
N PHE A 109 26.68 2.21 9.85
CA PHE A 109 27.85 2.47 9.05
C PHE A 109 27.91 3.95 8.74
N GLY A 110 29.04 4.58 9.08
CA GLY A 110 29.21 6.00 8.88
C GLY A 110 30.37 6.35 7.98
N THR A 111 30.29 7.51 7.34
CA THR A 111 31.34 8.05 6.48
C THR A 111 31.49 9.52 6.76
N ALA A 112 32.68 10.04 6.49
CA ALA A 112 32.99 11.44 6.60
C ALA A 112 34.04 11.79 5.58
N GLU A 113 34.03 13.05 5.14
CA GLU A 113 35.03 13.64 4.25
C GLU A 113 35.55 14.86 4.97
N ALA A 114 36.83 14.86 5.33
CA ALA A 114 37.44 15.94 6.07
C ALA A 114 38.80 16.33 5.51
N ALA A 115 39.23 17.54 5.79
CA ALA A 115 40.52 18.03 5.38
C ALA A 115 41.48 17.86 6.53
N PRO A 116 42.68 17.28 6.31
CA PRO A 116 43.64 17.14 7.43
C PRO A 116 43.88 18.48 8.12
N GLY A 117 43.91 18.46 9.44
CA GLY A 117 44.07 19.68 10.24
C GLY A 117 42.78 20.18 10.87
N SER A 118 41.62 19.67 10.42
CA SER A 118 40.29 19.99 10.97
C SER A 118 40.21 19.50 12.42
N GLN A 119 39.68 20.34 13.32
CA GLN A 119 39.60 19.96 14.73
CA GLN A 119 39.51 20.06 14.75
C GLN A 119 38.50 18.93 14.97
N ASN A 120 37.40 18.95 14.18
CA ASN A 120 36.34 17.98 14.34
C ASN A 120 35.98 17.32 13.03
N VAL A 121 35.67 16.01 13.11
CA VAL A 121 35.27 15.19 11.97
C VAL A 121 33.87 14.65 12.30
N SER A 122 32.86 15.01 11.48
CA SER A 122 31.49 14.54 11.67
C SER A 122 31.19 13.28 10.87
N LEU A 123 31.00 12.17 11.54
CA LEU A 123 30.66 10.91 10.90
C LEU A 123 29.15 10.86 10.69
N LYS A 124 28.72 10.64 9.42
CA LYS A 124 27.30 10.57 9.02
C LYS A 124 26.89 9.09 8.95
N PHE A 125 26.21 8.64 10.04
CA PHE A 125 25.80 7.26 10.13
C PHE A 125 24.45 6.93 9.46
N LYS A 126 24.49 5.88 8.64
CA LYS A 126 23.35 5.19 8.06
C LYS A 126 23.02 3.99 8.97
N ARG A 127 21.72 3.65 9.20
CA ARG A 127 21.35 2.42 9.90
C ARG A 127 21.18 1.37 8.80
N THR A 129 20.62 -2.01 9.30
CA THR A 129 19.57 -2.92 9.75
C THR A 129 18.23 -2.14 9.77
N VAL A 130 17.10 -2.85 10.01
CA VAL A 130 15.76 -2.27 9.96
C VAL A 130 15.09 -2.35 11.36
N PRO A 131 14.91 -1.22 12.09
CA PRO A 131 14.21 -1.30 13.40
C PRO A 131 12.74 -1.65 13.24
N VAL A 132 12.21 -2.32 14.25
CA VAL A 132 10.82 -2.75 14.31
C VAL A 132 10.14 -2.07 15.50
N ILE A 133 9.03 -1.35 15.25
CA ILE A 133 8.29 -0.69 16.32
C ILE A 133 6.89 -1.27 16.40
N ILE A 134 6.42 -1.50 17.63
CA ILE A 134 5.05 -2.00 17.91
C ILE A 134 4.20 -0.81 18.31
N LEU A 135 3.12 -0.60 17.55
CA LEU A 135 2.21 0.51 17.80
C LEU A 135 0.79 0.03 18.02
N ASP A 136 0.02 0.79 18.80
CA ASP A 136 -1.39 0.50 18.99
C ASP A 136 -2.15 1.07 17.76
N GLU A 137 -3.49 1.04 17.78
CA GLU A 137 -4.38 1.51 16.71
C GLU A 137 -4.17 3.00 16.35
N ASN A 138 -3.70 3.82 17.32
CA ASN A 138 -3.50 5.25 17.17
C ASN A 138 -2.03 5.65 16.94
N ASP A 139 -1.15 4.73 16.46
CA ASP A 139 0.28 5.00 16.20
C ASP A 139 1.08 5.28 17.47
N ARG A 140 0.49 5.05 18.65
CA ARG A 140 1.21 5.27 19.89
C ARG A 140 1.95 3.98 20.27
N PRO A 141 3.13 4.06 20.92
CA PRO A 141 3.86 2.84 21.28
C PRO A 141 3.03 1.91 22.18
N TYR A 142 2.87 0.65 21.70
CA TYR A 142 2.16 -0.39 22.43
C TYR A 142 2.87 -0.65 23.76
N GLU A 143 2.08 -0.73 24.85
CA GLU A 143 2.61 -0.91 26.21
C GLU A 143 2.01 -2.16 26.95
N GLY A 144 1.17 -2.95 26.28
CA GLY A 144 0.54 -4.14 26.85
C GLY A 144 1.43 -5.33 27.15
N GLU A 145 0.82 -6.49 27.46
CA GLU A 145 1.56 -7.70 27.82
C GLU A 145 1.53 -8.80 26.72
N ALA A 146 0.98 -8.45 25.54
CA ALA A 146 0.94 -9.34 24.40
C ALA A 146 2.34 -9.58 23.83
N LYS A 147 2.60 -10.82 23.39
CA LYS A 147 3.87 -11.20 22.78
C LYS A 147 3.73 -11.03 21.25
N VAL A 148 4.65 -10.26 20.63
CA VAL A 148 4.66 -9.99 19.20
C VAL A 148 5.93 -10.62 18.64
N GLU A 149 5.76 -11.48 17.63
CA GLU A 149 6.86 -12.16 16.96
C GLU A 149 6.78 -12.00 15.44
N LEU A 150 7.92 -12.00 14.76
CA LEU A 150 8.01 -11.96 13.31
C LEU A 150 8.76 -13.18 12.81
N SER A 151 8.37 -13.72 11.66
CA SER A 151 9.05 -14.87 11.06
C SER A 151 9.72 -14.37 9.79
N LEU A 152 11.04 -14.08 9.91
CA LEU A 152 11.88 -13.51 8.85
C LEU A 152 13.23 -14.19 8.78
N LYS A 153 13.97 -13.93 7.71
CA LYS A 153 15.31 -14.45 7.54
C LYS A 153 16.24 -13.64 8.46
N ASN A 154 17.05 -14.36 9.24
CA ASN A 154 17.87 -13.77 10.28
C ASN A 154 19.38 -13.95 10.05
N GLU A 155 19.80 -14.28 8.81
CA GLU A 155 21.24 -14.41 8.48
C GLU A 155 21.56 -13.75 7.16
N GLY A 156 22.64 -12.99 7.15
CA GLY A 156 23.06 -12.27 5.96
C GLY A 156 24.54 -12.00 5.93
N THR A 157 24.96 -11.24 4.93
CA THR A 157 26.34 -10.85 4.74
C THR A 157 26.43 -9.33 4.70
N GLN A 158 27.42 -8.76 5.41
CA GLN A 158 27.67 -7.33 5.39
C GLN A 158 28.93 -6.99 4.60
N ASP A 159 28.84 -5.94 3.78
CA ASP A 159 30.00 -5.41 3.05
C ASP A 159 30.75 -4.48 4.04
N LEU A 160 32.00 -4.78 4.38
CA LEU A 160 32.73 -3.98 5.38
C LEU A 160 33.18 -2.61 4.85
N LEU A 161 33.16 -2.41 3.53
CA LEU A 161 33.59 -1.16 2.89
C LEU A 161 32.43 -0.19 2.70
N ASN A 162 31.18 -0.66 2.53
CA ASN A 162 30.05 0.25 2.38
C ASN A 162 28.89 0.01 3.40
N GLY A 163 29.06 -0.97 4.29
CA GLY A 163 28.08 -1.30 5.33
C GLY A 163 26.84 -2.08 4.94
N THR A 164 26.57 -2.23 3.62
CA THR A 164 25.37 -2.90 3.06
C THR A 164 25.23 -4.37 3.49
N ILE A 165 24.01 -4.72 3.94
CA ILE A 165 23.65 -6.07 4.37
C ILE A 165 22.73 -6.67 3.32
N GLU A 166 23.06 -7.90 2.90
CA GLU A 166 22.27 -8.65 1.94
CA GLU A 166 22.28 -8.65 1.94
C GLU A 166 21.97 -9.99 2.58
N ILE A 167 20.68 -10.33 2.65
CA ILE A 167 20.18 -11.55 3.27
C ILE A 167 20.62 -12.77 2.49
N ASN A 168 20.77 -13.88 3.21
CA ASN A 168 21.03 -15.20 2.63
C ASN A 168 19.68 -15.71 2.11
N GLU A 169 19.52 -15.77 0.77
CA GLU A 169 18.26 -16.20 0.12
C GLU A 169 17.94 -17.67 0.44
N ASN A 170 19.00 -18.48 0.72
CA ASN A 170 18.90 -19.88 1.08
C ASN A 170 18.47 -20.05 2.55
N ALA A 171 18.53 -18.96 3.35
CA ALA A 171 18.15 -18.97 4.75
C ALA A 171 16.66 -19.29 4.94
N LEU A 172 16.32 -19.98 6.02
CA LEU A 172 14.94 -20.27 6.37
C LEU A 172 14.46 -19.17 7.29
N SER A 173 13.16 -18.90 7.31
CA SER A 173 12.61 -17.87 8.16
C SER A 173 12.59 -18.35 9.61
N GLU A 174 13.00 -17.47 10.55
CA GLU A 174 13.06 -17.77 11.99
C GLU A 174 12.18 -16.85 12.78
N ASN A 175 11.69 -17.31 13.93
CA ASN A 175 10.86 -16.48 14.80
C ASN A 175 11.71 -15.60 15.68
N ILE A 176 11.48 -14.31 15.56
CA ILE A 176 12.16 -13.23 16.27
C ILE A 176 11.13 -12.49 17.13
N GLU A 177 11.32 -12.45 18.45
CA GLU A 177 10.42 -11.70 19.33
C GLU A 177 10.75 -10.18 19.22
N VAL A 178 9.71 -9.34 19.13
CA VAL A 178 9.84 -7.90 18.97
C VAL A 178 9.71 -7.22 20.33
N LYS A 179 10.69 -6.39 20.67
CA LYS A 179 10.72 -5.62 21.91
C LYS A 179 9.84 -4.38 21.81
N LYS A 180 9.23 -3.99 22.94
CA LYS A 180 8.43 -2.77 23.03
C LYS A 180 9.40 -1.59 23.21
N VAL A 181 8.93 -0.34 22.94
CA VAL A 181 9.72 0.89 23.11
C VAL A 181 10.28 1.00 24.55
N SER A 182 9.44 0.65 25.57
CA SER A 182 9.78 0.71 26.98
C SER A 182 10.92 -0.23 27.37
N GLU A 183 11.18 -1.30 26.55
CA GLU A 183 12.24 -2.30 26.81
C GLU A 183 13.64 -1.68 26.57
N GLY A 184 13.69 -0.50 25.93
CA GLY A 184 14.90 0.28 25.74
C GLY A 184 15.95 -0.25 24.79
N VAL A 185 15.61 -1.32 24.08
CA VAL A 185 16.41 -1.97 23.03
C VAL A 185 15.44 -2.21 21.88
N THR A 186 15.83 -1.82 20.67
CA THR A 186 14.99 -1.93 19.50
C THR A 186 15.38 -3.19 18.72
N THR A 187 14.38 -4.05 18.45
CA THR A 187 14.56 -5.22 17.60
C THR A 187 14.87 -4.72 16.18
N ASN A 188 16.04 -5.09 15.67
CA ASN A 188 16.43 -4.76 14.31
C ASN A 188 16.43 -6.01 13.47
N VAL A 189 15.90 -5.93 12.24
CA VAL A 189 15.87 -7.09 11.34
C VAL A 189 16.80 -6.80 10.17
N LEU A 190 17.21 -7.84 9.47
CA LEU A 190 18.09 -7.63 8.35
C LEU A 190 17.29 -7.23 7.11
N PRO A 191 17.83 -6.33 6.23
CA PRO A 191 17.07 -5.93 5.02
C PRO A 191 16.73 -7.13 4.12
N GLN A 192 15.46 -7.23 3.77
CA GLN A 192 14.88 -8.28 2.94
C GLN A 192 13.53 -7.85 2.42
N LYS A 193 13.05 -8.57 1.39
CA LYS A 193 11.75 -8.32 0.83
C LYS A 193 10.68 -9.09 1.60
N ILE A 194 9.61 -8.37 1.98
CA ILE A 194 8.41 -8.96 2.59
C ILE A 194 7.32 -8.83 1.53
N ASN A 195 6.70 -9.93 1.15
CA ASN A 195 5.62 -9.92 0.14
C ASN A 195 4.26 -9.54 0.75
N ALA A 196 3.40 -8.91 -0.08
CA ALA A 196 2.02 -8.57 0.27
C ALA A 196 1.26 -9.82 0.66
N GLY A 197 0.58 -9.75 1.81
CA GLY A 197 -0.16 -10.88 2.34
C GLY A 197 0.68 -11.98 2.98
N GLU A 198 1.99 -11.75 3.14
CA GLU A 198 2.89 -12.73 3.76
C GLU A 198 2.60 -12.72 5.25
N GLU A 199 2.22 -13.89 5.80
CA GLU A 199 1.83 -14.06 7.20
C GLU A 199 3.05 -14.23 8.06
N ILE A 200 3.85 -13.16 8.17
CA ILE A 200 5.10 -13.17 8.90
C ILE A 200 4.93 -12.95 10.41
N GLY A 201 3.88 -12.26 10.82
CA GLY A 201 3.69 -11.96 12.23
C GLY A 201 2.64 -12.72 12.99
N THR A 202 2.82 -12.75 14.31
CA THR A 202 1.93 -13.36 15.28
C THR A 202 1.90 -12.53 16.54
N ILE A 203 0.72 -12.43 17.14
CA ILE A 203 0.49 -11.76 18.41
C ILE A 203 -0.18 -12.79 19.33
N THR A 204 0.45 -13.06 20.48
CA THR A 204 -0.01 -14.01 21.48
C THR A 204 -0.35 -13.26 22.77
N VAL A 205 -1.58 -13.42 23.26
CA VAL A 205 -2.02 -12.81 24.52
C VAL A 205 -3.00 -13.78 25.16
N GLY A 206 -2.58 -14.35 26.28
CA GLY A 206 -3.34 -15.33 27.04
C GLY A 206 -3.54 -16.61 26.27
N GLY A 207 -2.43 -17.17 25.78
CA GLY A 207 -2.38 -18.41 24.99
C GLY A 207 -3.27 -18.43 23.75
N VAL A 208 -3.58 -17.23 23.20
CA VAL A 208 -4.41 -17.05 22.00
C VAL A 208 -3.58 -16.27 20.98
N THR A 209 -3.33 -16.89 19.82
CA THR A 209 -2.51 -16.29 18.79
C THR A 209 -3.36 -15.78 17.64
N GLN A 210 -2.96 -14.64 17.09
CA GLN A 210 -3.57 -14.01 15.93
C GLN A 210 -2.48 -13.69 14.93
N LYS A 211 -2.84 -13.67 13.65
CA LYS A 211 -1.88 -13.38 12.59
C LYS A 211 -1.81 -11.88 12.33
N ILE A 212 -0.62 -11.41 11.95
CA ILE A 212 -0.31 -10.04 11.57
C ILE A 212 0.44 -10.18 10.22
N SER A 213 -0.12 -9.67 9.14
CA SER A 213 0.53 -9.83 7.84
C SER A 213 0.78 -8.50 7.16
N ALA A 214 1.67 -8.52 6.16
CA ALA A 214 1.97 -7.33 5.39
C ALA A 214 0.83 -7.08 4.43
N VAL A 215 0.45 -5.83 4.29
CA VAL A 215 -0.62 -5.43 3.38
C VAL A 215 -0.08 -5.19 2.00
N GLU A 216 1.17 -4.73 1.93
CA GLU A 216 1.88 -4.40 0.68
C GLU A 216 3.30 -4.99 0.67
N ASP A 217 3.91 -5.05 -0.52
CA ASP A 217 5.29 -5.49 -0.73
C ASP A 217 6.21 -4.47 -0.09
N LEU A 218 7.20 -4.96 0.69
CA LEU A 218 8.16 -4.10 1.38
C LEU A 218 9.53 -4.60 1.14
N ASP A 219 10.26 -3.95 0.23
CA ASP A 219 11.63 -4.34 -0.12
C ASP A 219 12.56 -3.50 0.75
N LEU A 220 12.73 -3.96 2.01
CA LEU A 220 13.45 -3.24 3.05
C LEU A 220 14.94 -3.09 2.75
N LYS A 221 15.47 -1.91 3.05
CA LYS A 221 16.87 -1.55 2.85
C LYS A 221 17.36 -0.72 4.05
N ALA A 222 18.62 -0.25 4.01
CA ALA A 222 19.18 0.62 5.03
C ALA A 222 18.32 1.90 5.13
N GLY A 223 18.04 2.30 6.36
CA GLY A 223 17.24 3.48 6.65
C GLY A 223 15.75 3.19 6.83
N SER A 224 15.32 1.94 6.53
CA SER A 224 13.93 1.50 6.61
C SER A 224 13.48 1.28 8.02
N THR A 225 12.18 1.40 8.20
CA THR A 225 11.54 1.13 9.48
C THR A 225 10.36 0.25 9.20
N LEU A 226 10.08 -0.66 10.10
CA LEU A 226 8.97 -1.59 10.04
C LEU A 226 8.06 -1.34 11.22
N SER A 227 6.77 -1.18 10.96
CA SER A 227 5.82 -0.97 12.05
C SER A 227 4.82 -2.10 12.11
N VAL A 228 4.57 -2.55 13.34
CA VAL A 228 3.58 -3.55 13.64
C VAL A 228 2.46 -2.75 14.31
N ARG A 229 1.35 -2.56 13.58
CA ARG A 229 0.17 -1.79 14.05
C ARG A 229 -1.00 -2.71 14.41
N LEU A 230 -1.17 -2.93 15.72
CA LEU A 230 -2.17 -3.80 16.32
C LEU A 230 -3.52 -3.13 16.38
N SER A 231 -4.58 -3.86 15.98
CA SER A 231 -5.97 -3.42 16.02
C SER A 231 -6.92 -4.56 15.72
N LYS A 232 -8.22 -4.29 15.85
CA LYS A 232 -9.26 -5.27 15.52
C LYS A 232 -9.94 -4.87 14.18
N LYS A 233 -9.43 -3.79 13.52
CA LYS A 233 -9.93 -3.22 12.26
C LYS A 233 -10.09 -4.22 11.10
N PHE A 234 -9.24 -5.23 11.04
CA PHE A 234 -9.17 -6.18 9.94
C PHE A 234 -9.37 -7.61 10.42
N GLY A 235 -10.25 -7.78 11.42
CA GLY A 235 -10.57 -9.09 11.97
C GLY A 235 -11.12 -10.08 10.95
N GLY A 236 -12.01 -9.62 10.08
CA GLY A 236 -12.63 -10.47 9.07
C GLY A 236 -12.00 -10.40 7.71
N GLY A 237 -11.01 -9.53 7.55
CA GLY A 237 -10.36 -9.32 6.28
C GLY A 237 -10.17 -7.85 5.96
N ILE A 238 -10.03 -7.54 4.65
CA ILE A 238 -9.74 -6.18 4.20
C ILE A 238 -10.60 -5.74 3.03
N ILE A 239 -10.74 -4.42 2.90
CA ILE A 239 -11.39 -3.77 1.77
C ILE A 239 -10.25 -3.05 1.04
N ASP A 240 -10.15 -3.27 -0.26
CA ASP A 240 -9.19 -2.61 -1.15
C ASP A 240 -9.89 -2.53 -2.50
N GLY A 241 -9.25 -2.01 -3.50
CA GLY A 241 -9.90 -1.92 -4.81
C GLY A 241 -9.08 -1.23 -5.85
N ASN A 242 -9.65 -1.02 -7.04
CA ASN A 242 -8.96 -0.30 -8.11
C ASN A 242 -9.64 1.00 -8.42
N VAL A 243 -8.86 2.05 -8.72
CA VAL A 243 -9.40 3.34 -9.15
C VAL A 243 -8.72 3.65 -10.48
N PRO A 244 -9.12 3.05 -11.60
CA PRO A 244 -8.40 3.37 -12.85
C PRO A 244 -8.75 4.78 -13.35
N LEU A 245 -7.79 5.36 -14.04
CA LEU A 245 -7.91 6.68 -14.66
C LEU A 245 -8.21 6.53 -16.11
N TYR A 246 -9.05 7.41 -16.60
CA TYR A 246 -9.42 7.52 -18.00
C TYR A 246 -8.70 8.80 -18.51
N ARG A 247 -7.48 8.62 -19.04
CA ARG A 247 -6.64 9.73 -19.52
C ARG A 247 -7.11 10.29 -20.86
N GLU B 10 -24.68 3.69 -47.18
CA GLU B 10 -25.58 4.64 -46.54
C GLU B 10 -26.94 3.99 -46.23
N ALA B 11 -27.16 3.66 -44.93
CA ALA B 11 -28.36 3.02 -44.40
C ALA B 11 -29.40 4.03 -43.92
N THR B 12 -30.69 3.68 -44.03
CA THR B 12 -31.84 4.49 -43.61
C THR B 12 -31.96 4.47 -42.09
N ASN B 13 -31.87 3.26 -41.50
CA ASN B 13 -31.92 3.01 -40.06
C ASN B 13 -30.62 2.43 -39.58
N PHE B 14 -30.37 2.53 -38.26
CA PHE B 14 -29.15 1.97 -37.67
C PHE B 14 -29.47 1.07 -36.48
N SER B 15 -28.66 0.04 -36.29
CA SER B 15 -28.77 -0.85 -35.14
C SER B 15 -27.73 -0.39 -34.08
N ILE B 16 -27.89 -0.85 -32.84
CA ILE B 16 -26.99 -0.52 -31.75
C ILE B 16 -26.25 -1.79 -31.28
N SER B 17 -24.95 -1.63 -30.93
CA SER B 17 -24.11 -2.70 -30.37
C SER B 17 -23.51 -2.15 -29.08
N ILE B 18 -23.42 -3.00 -28.07
CA ILE B 18 -22.94 -2.65 -26.74
C ILE B 18 -21.44 -2.95 -26.60
N ASP B 19 -20.64 -1.91 -26.49
CA ASP B 19 -19.22 -2.07 -26.31
C ASP B 19 -18.81 -1.40 -24.97
N ASP B 20 -17.52 -1.45 -24.62
CA ASP B 20 -16.98 -0.83 -23.40
C ASP B 20 -16.11 0.35 -23.72
N ALA B 21 -16.09 1.36 -22.83
CA ALA B 21 -15.17 2.50 -22.93
C ALA B 21 -13.72 1.98 -22.74
N LEU B 22 -12.74 2.60 -23.41
CA LEU B 22 -11.36 2.13 -23.35
C LEU B 22 -10.73 2.36 -22.00
N SER B 23 -10.30 1.23 -21.43
CA SER B 23 -9.72 1.03 -20.11
C SER B 23 -8.24 1.49 -20.02
N ASP B 24 -7.80 1.76 -18.77
CA ASP B 24 -6.44 2.10 -18.37
C ASP B 24 -5.54 0.90 -18.79
N PRO B 25 -4.47 1.07 -19.61
CA PRO B 25 -3.67 -0.10 -20.00
C PRO B 25 -3.07 -0.87 -18.83
N LEU B 26 -2.77 -0.18 -17.73
CA LEU B 26 -2.14 -0.80 -16.58
C LEU B 26 -3.09 -1.17 -15.42
N THR B 27 -4.35 -0.74 -15.45
CA THR B 27 -5.25 -1.05 -14.33
C THR B 27 -6.55 -1.64 -14.87
N ARG B 28 -7.04 -2.70 -14.22
CA ARG B 28 -8.31 -3.29 -14.60
C ARG B 28 -9.49 -2.38 -14.14
N THR B 29 -10.38 -2.07 -15.08
CA THR B 29 -11.59 -1.27 -14.84
C THR B 29 -12.71 -2.24 -14.49
N SER B 30 -13.84 -1.73 -13.96
CA SER B 30 -14.96 -2.65 -13.69
C SER B 30 -15.54 -3.21 -15.04
N ASN B 31 -15.27 -2.56 -16.18
CA ASN B 31 -15.68 -3.02 -17.52
C ASN B 31 -14.84 -4.25 -17.93
N ASP B 32 -13.55 -4.29 -17.49
CA ASP B 32 -12.67 -5.42 -17.71
C ASP B 32 -13.18 -6.65 -16.91
N LEU B 33 -13.64 -6.39 -15.69
CA LEU B 33 -14.20 -7.42 -14.83
C LEU B 33 -15.60 -7.81 -15.29
N PHE B 34 -16.45 -6.83 -15.62
CA PHE B 34 -17.85 -7.05 -16.02
C PHE B 34 -18.15 -6.31 -17.31
N PRO B 35 -17.91 -6.94 -18.48
CA PRO B 35 -18.25 -6.27 -19.75
C PRO B 35 -19.68 -5.77 -19.77
N ALA B 36 -19.88 -4.58 -20.41
CA ALA B 36 -21.18 -3.95 -20.57
C ALA B 36 -22.14 -4.87 -21.34
N ARG B 37 -21.60 -5.65 -22.34
CA ARG B 37 -22.30 -6.71 -23.14
C ARG B 37 -23.03 -7.73 -22.29
N ASN B 38 -22.50 -8.02 -21.10
CA ASN B 38 -23.07 -9.02 -20.21
C ASN B 38 -24.26 -8.46 -19.44
N SER B 39 -24.32 -7.14 -19.23
CA SER B 39 -25.42 -6.46 -18.54
C SER B 39 -26.50 -6.09 -19.54
N ILE B 40 -26.09 -5.44 -20.65
CA ILE B 40 -26.99 -4.97 -21.67
C ILE B 40 -27.04 -6.02 -22.79
N THR B 41 -27.86 -7.04 -22.56
CA THR B 41 -28.07 -8.14 -23.50
C THR B 41 -29.29 -7.83 -24.40
N THR B 42 -29.55 -8.71 -25.39
CA THR B 42 -30.71 -8.57 -26.28
C THR B 42 -31.99 -8.59 -25.41
N GLY B 43 -32.86 -7.61 -25.68
CA GLY B 43 -34.11 -7.43 -24.95
C GLY B 43 -34.04 -6.41 -23.84
N GLU B 44 -32.82 -6.03 -23.43
CA GLU B 44 -32.65 -4.99 -22.41
C GLU B 44 -32.96 -3.63 -23.02
N VAL B 45 -33.59 -2.75 -22.22
CA VAL B 45 -34.00 -1.41 -22.65
C VAL B 45 -33.00 -0.36 -22.08
N ILE B 46 -32.53 0.57 -22.95
CA ILE B 46 -31.66 1.72 -22.64
C ILE B 46 -32.39 3.00 -23.01
N SER B 47 -32.02 4.11 -22.36
CA SER B 47 -32.50 5.45 -22.70
C SER B 47 -31.46 6.05 -23.60
N ALA B 49 -30.36 8.99 -26.80
CA ALA B 49 -30.54 10.25 -27.50
C ALA B 49 -29.29 10.63 -28.26
N ALA B 50 -29.50 11.30 -29.38
CA ALA B 50 -28.48 12.03 -30.15
C ALA B 50 -28.35 13.37 -29.42
N SER B 51 -27.17 14.03 -29.42
CA SER B 51 -26.95 15.29 -28.71
C SER B 51 -28.08 16.28 -28.94
N GLY B 52 -28.58 16.84 -27.83
CA GLY B 52 -29.67 17.82 -27.85
C GLY B 52 -31.06 17.31 -28.10
N GLN B 53 -31.34 16.08 -27.64
CA GLN B 53 -32.65 15.41 -27.76
C GLN B 53 -32.98 14.74 -26.45
N ASP B 54 -34.27 14.64 -26.13
CA ASP B 54 -34.67 13.88 -24.96
C ASP B 54 -34.33 12.40 -25.15
N TYR B 55 -34.03 11.73 -24.03
CA TYR B 55 -33.76 10.31 -23.98
C TYR B 55 -35.05 9.53 -24.22
N THR B 56 -35.01 8.58 -25.15
CA THR B 56 -36.18 7.76 -25.46
C THR B 56 -35.77 6.29 -25.31
N PRO B 57 -36.70 5.40 -24.91
CA PRO B 57 -36.32 3.97 -24.76
C PRO B 57 -35.94 3.33 -26.09
N PHE B 58 -34.97 2.39 -26.04
CA PHE B 58 -34.47 1.60 -27.15
C PHE B 58 -34.22 0.16 -26.68
N ILE B 59 -34.85 -0.84 -27.35
CA ILE B 59 -34.70 -2.26 -27.03
C ILE B 59 -33.49 -2.77 -27.79
N VAL B 60 -32.47 -3.17 -27.04
CA VAL B 60 -31.18 -3.64 -27.57
C VAL B 60 -31.37 -5.00 -28.28
N GLY B 61 -30.73 -5.11 -29.45
CA GLY B 61 -30.75 -6.30 -30.29
C GLY B 61 -32.05 -6.52 -31.02
N LYS B 62 -32.99 -5.53 -30.93
CA LYS B 62 -34.32 -5.64 -31.54
C LYS B 62 -34.70 -4.35 -32.29
N ASP B 63 -34.60 -3.19 -31.63
CA ASP B 63 -34.96 -1.90 -32.23
C ASP B 63 -33.96 -1.43 -33.27
N SER B 64 -34.37 -0.44 -34.05
CA SER B 64 -33.59 0.29 -35.06
C SER B 64 -34.06 1.72 -35.02
N ARG B 65 -33.22 2.67 -35.39
CA ARG B 65 -33.67 4.04 -35.37
C ARG B 65 -33.37 4.72 -36.69
N ALA B 66 -34.27 5.62 -37.10
CA ALA B 66 -34.17 6.37 -38.36
C ALA B 66 -33.01 7.36 -38.28
N TRP B 67 -32.25 7.53 -39.37
CA TRP B 67 -31.10 8.44 -39.34
C TRP B 67 -31.52 9.96 -39.38
N ASN B 68 -32.85 10.27 -39.30
CA ASN B 68 -33.36 11.64 -39.25
C ASN B 68 -33.32 12.15 -37.82
N THR B 74 -24.69 17.21 -38.46
CA THR B 74 -24.14 16.95 -39.79
C THR B 74 -22.68 16.45 -39.64
N GLY B 75 -22.27 15.58 -40.56
CA GLY B 75 -20.96 14.96 -40.57
C GLY B 75 -20.89 13.80 -39.60
N THR B 76 -20.78 14.12 -38.30
CA THR B 76 -20.75 13.13 -37.22
C THR B 76 -21.80 13.48 -36.19
N VAL B 77 -22.46 12.44 -35.66
CA VAL B 77 -23.50 12.51 -34.62
C VAL B 77 -22.98 11.88 -33.33
N THR B 78 -23.23 12.56 -32.21
CA THR B 78 -22.87 12.02 -30.90
C THR B 78 -24.13 11.47 -30.22
N PHE B 79 -24.08 10.22 -29.77
CA PHE B 79 -25.17 9.56 -29.04
C PHE B 79 -24.81 9.40 -27.58
N TYR B 80 -25.82 9.37 -26.68
CA TYR B 80 -25.71 9.24 -25.22
C TYR B 80 -26.72 8.25 -24.75
N ALA B 81 -26.33 7.36 -23.83
CA ALA B 81 -27.25 6.33 -23.37
C ALA B 81 -27.09 5.99 -21.89
N HIS B 82 -28.21 5.70 -21.21
CA HIS B 82 -28.26 5.28 -19.81
C HIS B 82 -28.77 3.83 -19.72
N TYR B 83 -28.15 3.03 -18.86
CA TYR B 83 -28.58 1.68 -18.57
C TYR B 83 -28.49 1.46 -17.07
N PRO B 84 -29.58 1.06 -16.38
CA PRO B 84 -30.95 0.84 -16.90
C PRO B 84 -31.60 2.13 -17.42
N ALA B 85 -32.71 2.00 -18.15
CA ALA B 85 -33.45 3.14 -18.71
C ALA B 85 -33.95 4.11 -17.64
N LEU B 86 -34.08 5.40 -18.02
CA LEU B 86 -34.58 6.48 -17.16
C LEU B 86 -36.09 6.34 -16.93
N THR B 87 -36.55 6.68 -15.72
CA THR B 87 -37.97 6.60 -15.35
C THR B 87 -38.47 7.99 -14.94
N ASN B 97 -29.80 18.77 -17.06
CA ASN B 97 -30.59 18.24 -15.93
C ASN B 97 -29.81 17.10 -15.15
N LYS B 98 -30.30 16.81 -13.92
CA LYS B 98 -29.80 15.87 -12.93
C LYS B 98 -30.93 15.04 -12.31
N ARG B 99 -30.60 13.92 -11.65
CA ARG B 99 -31.60 13.09 -10.96
C ARG B 99 -31.00 12.51 -9.70
N TYR B 100 -31.85 12.21 -8.73
CA TYR B 100 -31.49 11.57 -7.48
C TYR B 100 -31.25 10.06 -7.80
N LEU B 101 -30.26 9.43 -7.13
CA LEU B 101 -29.92 8.01 -7.30
C LEU B 101 -29.57 7.35 -5.97
N LYS B 102 -29.76 6.02 -5.90
CA LYS B 102 -29.38 5.17 -4.76
C LYS B 102 -28.48 4.01 -5.24
N GLY B 103 -27.72 3.43 -4.32
CA GLY B 103 -26.86 2.29 -4.60
C GLY B 103 -27.65 1.00 -4.73
N GLY B 104 -26.94 -0.08 -5.04
CA GLY B 104 -27.49 -1.41 -5.26
C GLY B 104 -27.34 -1.79 -6.70
N GLN B 105 -28.31 -1.40 -7.54
CA GLN B 105 -28.34 -1.67 -8.98
C GLN B 105 -27.28 -0.81 -9.68
N GLU B 106 -26.49 -1.42 -10.57
CA GLU B 106 -25.47 -0.75 -11.38
C GLU B 106 -26.10 0.28 -12.32
N HIS B 107 -25.35 1.33 -12.66
CA HIS B 107 -25.76 2.38 -13.59
C HIS B 107 -24.64 2.64 -14.57
N LEU B 108 -24.97 2.55 -15.87
CA LEU B 108 -23.98 2.68 -16.94
C LEU B 108 -24.33 3.83 -17.84
N PHE B 109 -23.32 4.47 -18.41
CA PHE B 109 -23.49 5.60 -19.31
C PHE B 109 -22.59 5.39 -20.53
N GLY B 110 -23.20 5.44 -21.69
CA GLY B 110 -22.49 5.21 -22.94
C GLY B 110 -22.53 6.37 -23.90
N THR B 111 -21.52 6.46 -24.75
CA THR B 111 -21.42 7.48 -25.80
C THR B 111 -20.92 6.82 -27.07
N ALA B 112 -21.24 7.43 -28.19
CA ALA B 112 -20.80 7.01 -29.50
C ALA B 112 -20.70 8.23 -30.39
N GLU B 113 -19.79 8.18 -31.37
CA GLU B 113 -19.64 9.17 -32.42
C GLU B 113 -19.76 8.38 -33.71
N ALA B 114 -20.80 8.64 -34.50
CA ALA B 114 -21.08 7.92 -35.74
C ALA B 114 -21.41 8.87 -36.87
N ALA B 115 -21.22 8.40 -38.09
CA ALA B 115 -21.54 9.16 -39.27
C ALA B 115 -22.91 8.74 -39.76
N PRO B 116 -23.83 9.69 -40.06
CA PRO B 116 -25.15 9.30 -40.56
C PRO B 116 -25.02 8.38 -41.77
N GLY B 117 -25.85 7.34 -41.80
CA GLY B 117 -25.80 6.35 -42.88
C GLY B 117 -25.12 5.06 -42.48
N SER B 118 -24.44 5.04 -41.33
CA SER B 118 -23.79 3.84 -40.79
C SER B 118 -24.85 2.82 -40.41
N GLN B 119 -24.65 1.54 -40.76
CA GLN B 119 -25.61 0.46 -40.43
C GLN B 119 -25.63 0.18 -38.94
N ASN B 120 -24.48 0.28 -38.28
CA ASN B 120 -24.38 0.01 -36.86
C ASN B 120 -23.70 1.14 -36.11
N VAL B 121 -24.20 1.40 -34.90
CA VAL B 121 -23.67 2.42 -33.99
C VAL B 121 -23.23 1.70 -32.72
N SER B 122 -21.91 1.76 -32.41
CA SER B 122 -21.35 1.10 -31.23
C SER B 122 -21.28 2.07 -30.04
N LEU B 123 -22.11 1.82 -29.02
CA LEU B 123 -22.10 2.61 -27.80
C LEU B 123 -21.02 2.07 -26.85
N LYS B 124 -20.10 2.93 -26.43
CA LYS B 124 -19.03 2.55 -25.50
C LYS B 124 -19.50 2.95 -24.11
N PHE B 125 -19.83 1.99 -23.32
CA PHE B 125 -20.33 2.21 -21.99
C PHE B 125 -19.24 2.25 -20.93
N LYS B 126 -19.54 3.01 -19.90
CA LYS B 126 -18.73 3.17 -18.72
C LYS B 126 -19.67 2.93 -17.52
N ARG B 127 -19.25 2.15 -16.53
CA ARG B 127 -20.04 1.91 -15.34
C ARG B 127 -19.80 3.09 -14.43
N THR B 129 -21.42 3.56 -11.38
CA THR B 129 -21.46 3.02 -10.01
C THR B 129 -20.20 2.12 -9.82
N VAL B 130 -19.98 1.63 -8.57
CA VAL B 130 -18.80 0.84 -8.23
C VAL B 130 -19.20 -0.58 -7.81
N PRO B 131 -18.93 -1.65 -8.62
CA PRO B 131 -19.27 -3.03 -8.16
C PRO B 131 -18.42 -3.47 -6.99
N VAL B 132 -18.99 -4.34 -6.17
CA VAL B 132 -18.34 -4.89 -4.98
C VAL B 132 -18.25 -6.41 -5.13
N ILE B 133 -17.03 -6.97 -5.04
CA ILE B 133 -16.87 -8.42 -5.13
C ILE B 133 -16.31 -8.97 -3.83
N ILE B 134 -16.82 -10.14 -3.39
CA ILE B 134 -16.34 -10.85 -2.19
C ILE B 134 -15.41 -11.98 -2.65
N LEU B 135 -14.18 -11.96 -2.14
CA LEU B 135 -13.19 -13.00 -2.45
C LEU B 135 -12.76 -13.75 -1.18
N ASP B 136 -12.40 -15.05 -1.31
CA ASP B 136 -11.89 -15.82 -0.17
C ASP B 136 -10.37 -15.54 -0.05
N GLU B 137 -9.65 -16.22 0.85
CA GLU B 137 -8.21 -16.07 1.07
C GLU B 137 -7.35 -16.31 -0.19
N ASN B 138 -7.82 -17.17 -1.09
CA ASN B 138 -7.10 -17.56 -2.31
C ASN B 138 -7.56 -16.77 -3.56
N ASP B 139 -8.35 -15.66 -3.36
CA ASP B 139 -8.84 -14.76 -4.40
C ASP B 139 -9.89 -15.42 -5.29
N ARG B 140 -10.43 -16.51 -4.80
CA ARG B 140 -11.51 -17.17 -5.50
C ARG B 140 -12.84 -16.53 -5.03
N PRO B 141 -13.91 -16.54 -5.86
CA PRO B 141 -15.19 -15.94 -5.42
C PRO B 141 -15.77 -16.63 -4.18
N TYR B 142 -16.10 -15.87 -3.16
CA TYR B 142 -16.62 -16.42 -1.93
C TYR B 142 -18.04 -16.94 -2.06
N GLU B 143 -18.19 -18.21 -1.68
CA GLU B 143 -19.44 -18.93 -1.54
C GLU B 143 -19.33 -19.52 -0.15
N GLY B 144 -20.29 -19.16 0.69
CA GLY B 144 -20.30 -19.54 2.09
C GLY B 144 -21.50 -18.92 2.74
N GLU B 145 -21.65 -19.09 4.05
CA GLU B 145 -22.85 -18.63 4.74
C GLU B 145 -22.66 -17.31 5.48
N ALA B 146 -21.44 -16.74 5.47
CA ALA B 146 -21.19 -15.46 6.16
C ALA B 146 -21.85 -14.29 5.47
N LYS B 147 -22.40 -13.36 6.25
CA LYS B 147 -23.06 -12.15 5.77
C LYS B 147 -22.01 -11.03 5.74
N VAL B 148 -21.85 -10.37 4.59
CA VAL B 148 -20.88 -9.29 4.40
C VAL B 148 -21.67 -8.01 4.13
N GLU B 149 -21.45 -6.97 4.95
CA GLU B 149 -22.12 -5.69 4.81
C GLU B 149 -21.12 -4.52 4.78
N LEU B 150 -21.46 -3.43 4.09
CA LEU B 150 -20.66 -2.20 4.04
C LEU B 150 -21.50 -1.05 4.59
N SER B 151 -20.87 -0.10 5.31
CA SER B 151 -21.58 1.09 5.81
C SER B 151 -21.06 2.30 5.06
N LEU B 152 -21.81 2.70 4.02
CA LEU B 152 -21.47 3.77 3.10
C LEU B 152 -22.65 4.64 2.80
N LYS B 153 -22.39 5.78 2.15
CA LYS B 153 -23.46 6.68 1.74
C LYS B 153 -24.13 6.04 0.51
N ASN B 154 -25.48 5.98 0.55
CA ASN B 154 -26.26 5.28 -0.44
C ASN B 154 -27.22 6.21 -1.22
N GLU B 155 -27.00 7.54 -1.15
CA GLU B 155 -27.84 8.50 -1.87
CA GLU B 155 -27.84 8.51 -1.87
C GLU B 155 -26.96 9.54 -2.56
N GLY B 156 -27.27 9.82 -3.82
CA GLY B 156 -26.50 10.76 -4.61
C GLY B 156 -27.27 11.36 -5.75
N THR B 157 -26.56 12.10 -6.57
CA THR B 157 -27.13 12.78 -7.72
C THR B 157 -26.37 12.36 -8.97
N GLN B 158 -27.09 12.05 -10.05
CA GLN B 158 -26.48 11.72 -11.32
C GLN B 158 -26.67 12.83 -12.34
N ASP B 159 -25.60 13.13 -13.09
CA ASP B 159 -25.66 14.09 -14.21
C ASP B 159 -26.19 13.32 -15.41
N LEU B 160 -27.36 13.71 -15.95
CA LEU B 160 -27.96 12.96 -17.05
C LEU B 160 -27.23 13.16 -18.41
N LEU B 161 -26.38 14.19 -18.52
CA LEU B 161 -25.66 14.51 -19.74
C LEU B 161 -24.28 13.81 -19.81
N ASN B 162 -23.64 13.52 -18.65
CA ASN B 162 -22.35 12.84 -18.69
C ASN B 162 -22.30 11.55 -17.82
N GLY B 163 -23.42 11.18 -17.17
CA GLY B 163 -23.53 9.99 -16.34
C GLY B 163 -22.93 10.00 -14.95
N THR B 164 -22.10 10.99 -14.63
CA THR B 164 -21.39 11.13 -13.34
C THR B 164 -22.32 11.20 -12.11
N ILE B 165 -21.97 10.41 -11.10
CA ILE B 165 -22.69 10.33 -9.83
C ILE B 165 -21.83 10.96 -8.76
N GLU B 166 -22.45 11.84 -7.98
CA GLU B 166 -21.81 12.49 -6.85
C GLU B 166 -22.68 12.29 -5.66
N ILE B 167 -22.07 11.79 -4.61
CA ILE B 167 -22.73 11.44 -3.35
C ILE B 167 -23.24 12.69 -2.65
N ASN B 168 -24.33 12.53 -1.89
CA ASN B 168 -24.89 13.57 -1.04
C ASN B 168 -24.03 13.57 0.23
N GLU B 169 -23.23 14.62 0.42
CA GLU B 169 -22.33 14.77 1.59
C GLU B 169 -23.13 14.82 2.92
N ASN B 170 -24.38 15.32 2.85
CA ASN B 170 -25.30 15.42 3.98
C ASN B 170 -25.95 14.05 4.31
N ALA B 171 -25.82 13.06 3.39
CA ALA B 171 -26.34 11.70 3.55
C ALA B 171 -25.67 10.99 4.72
N LEU B 172 -26.41 10.13 5.40
CA LEU B 172 -25.89 9.32 6.50
C LEU B 172 -25.41 8.01 5.92
N SER B 173 -24.42 7.36 6.55
CA SER B 173 -23.95 6.07 6.06
C SER B 173 -24.98 4.99 6.39
N GLU B 174 -25.26 4.11 5.42
CA GLU B 174 -26.26 3.05 5.56
C GLU B 174 -25.63 1.70 5.37
N ASN B 175 -26.19 0.67 6.00
CA ASN B 175 -25.70 -0.68 5.83
C ASN B 175 -26.28 -1.29 4.57
N ILE B 176 -25.37 -1.72 3.70
CA ILE B 176 -25.64 -2.35 2.40
C ILE B 176 -25.08 -3.77 2.43
N GLU B 177 -25.93 -4.77 2.21
CA GLU B 177 -25.47 -6.15 2.17
C GLU B 177 -24.83 -6.43 0.80
N VAL B 178 -23.68 -7.12 0.78
CA VAL B 178 -22.93 -7.45 -0.45
C VAL B 178 -23.29 -8.84 -0.92
N LYS B 179 -23.69 -8.95 -2.19
CA LYS B 179 -24.13 -10.21 -2.79
C LYS B 179 -22.98 -11.07 -3.30
N LYS B 180 -23.17 -12.41 -3.23
CA LYS B 180 -22.23 -13.39 -3.78
CA LYS B 180 -22.21 -13.36 -3.78
C LYS B 180 -22.59 -13.61 -5.25
N VAL B 181 -21.67 -14.18 -6.04
CA VAL B 181 -21.89 -14.49 -7.48
C VAL B 181 -23.14 -15.39 -7.72
N SER B 182 -23.40 -16.35 -6.83
CA SER B 182 -24.55 -17.25 -6.95
C SER B 182 -25.90 -16.52 -6.80
N GLU B 183 -25.89 -15.30 -6.21
CA GLU B 183 -27.10 -14.50 -6.02
C GLU B 183 -27.55 -13.82 -7.35
N GLY B 184 -26.68 -13.86 -8.36
CA GLY B 184 -27.00 -13.42 -9.71
C GLY B 184 -27.13 -11.94 -9.97
N VAL B 185 -26.80 -11.10 -8.97
CA VAL B 185 -26.85 -9.65 -9.00
C VAL B 185 -25.58 -9.17 -8.29
N THR B 186 -24.89 -8.14 -8.84
CA THR B 186 -23.67 -7.58 -8.23
C THR B 186 -24.04 -6.30 -7.47
N THR B 187 -23.68 -6.25 -6.19
CA THR B 187 -23.88 -5.05 -5.38
C THR B 187 -23.01 -3.90 -5.92
N ASN B 188 -23.63 -2.77 -6.31
CA ASN B 188 -22.92 -1.57 -6.77
C ASN B 188 -23.13 -0.47 -5.77
N VAL B 189 -22.05 0.25 -5.44
CA VAL B 189 -22.12 1.36 -4.50
C VAL B 189 -21.91 2.65 -5.27
N LEU B 190 -22.30 3.76 -4.67
CA LEU B 190 -22.13 5.04 -5.36
C LEU B 190 -20.71 5.57 -5.14
N PRO B 191 -20.10 6.23 -6.16
CA PRO B 191 -18.75 6.78 -5.98
C PRO B 191 -18.63 7.77 -4.81
N GLN B 192 -17.64 7.54 -3.96
CA GLN B 192 -17.33 8.31 -2.76
C GLN B 192 -15.91 7.94 -2.28
N LYS B 193 -15.32 8.77 -1.44
CA LYS B 193 -13.99 8.51 -0.87
C LYS B 193 -14.11 7.64 0.36
N ILE B 194 -13.29 6.57 0.40
CA ILE B 194 -13.12 5.68 1.55
C ILE B 194 -11.72 5.96 2.06
N ASN B 195 -11.58 6.32 3.33
CA ASN B 195 -10.27 6.58 3.93
C ASN B 195 -9.59 5.29 4.40
N ALA B 196 -8.24 5.29 4.40
CA ALA B 196 -7.41 4.20 4.91
C ALA B 196 -7.73 3.98 6.38
N GLY B 197 -7.98 2.73 6.74
CA GLY B 197 -8.37 2.35 8.10
C GLY B 197 -9.80 2.67 8.48
N GLU B 198 -10.64 3.09 7.52
CA GLU B 198 -12.06 3.39 7.77
C GLU B 198 -12.79 2.06 7.96
N GLU B 199 -13.42 1.88 9.12
CA GLU B 199 -14.10 0.64 9.50
C GLU B 199 -15.51 0.58 8.91
N ILE B 200 -15.59 0.50 7.58
CA ILE B 200 -16.88 0.51 6.88
C ILE B 200 -17.54 -0.89 6.78
N GLY B 201 -16.76 -1.95 6.87
CA GLY B 201 -17.28 -3.30 6.69
C GLY B 201 -17.45 -4.14 7.94
N THR B 202 -18.35 -5.13 7.83
CA THR B 202 -18.66 -6.11 8.84
C THR B 202 -18.94 -7.45 8.18
N ILE B 203 -18.50 -8.52 8.84
CA ILE B 203 -18.74 -9.90 8.42
C ILE B 203 -19.39 -10.58 9.62
N THR B 204 -20.58 -11.14 9.40
CA THR B 204 -21.37 -11.84 10.42
C THR B 204 -21.48 -13.32 10.03
N VAL B 205 -21.07 -14.21 10.92
CA VAL B 205 -21.18 -15.65 10.71
C VAL B 205 -21.46 -16.27 12.08
N GLY B 206 -22.67 -16.82 12.20
CA GLY B 206 -23.17 -17.44 13.43
C GLY B 206 -23.30 -16.44 14.57
N GLY B 207 -24.02 -15.34 14.30
CA GLY B 207 -24.26 -14.24 15.23
C GLY B 207 -23.02 -13.61 15.84
N VAL B 208 -21.86 -13.71 15.14
CA VAL B 208 -20.55 -13.18 15.55
C VAL B 208 -20.08 -12.24 14.45
N THR B 209 -19.88 -10.96 14.80
CA THR B 209 -19.47 -9.96 13.81
C THR B 209 -18.00 -9.61 13.99
N GLN B 210 -17.34 -9.35 12.86
CA GLN B 210 -15.94 -8.92 12.78
C GLN B 210 -15.87 -7.73 11.87
N LYS B 211 -14.88 -6.86 12.07
CA LYS B 211 -14.69 -5.66 11.25
C LYS B 211 -13.83 -5.99 10.02
N ILE B 212 -14.13 -5.30 8.92
CA ILE B 212 -13.42 -5.35 7.64
C ILE B 212 -13.17 -3.86 7.28
N SER B 213 -11.92 -3.44 7.23
CA SER B 213 -11.64 -2.05 6.95
C SER B 213 -10.81 -1.87 5.70
N ALA B 214 -10.79 -0.64 5.17
CA ALA B 214 -9.97 -0.31 4.01
C ALA B 214 -8.54 -0.21 4.46
N VAL B 215 -7.63 -0.74 3.66
CA VAL B 215 -6.20 -0.70 3.97
C VAL B 215 -5.59 0.57 3.42
N GLU B 216 -6.15 1.09 2.33
CA GLU B 216 -5.69 2.29 1.62
C GLU B 216 -6.85 3.24 1.30
N ASP B 217 -6.51 4.51 0.97
CA ASP B 217 -7.45 5.54 0.53
C ASP B 217 -7.98 5.15 -0.84
N LEU B 218 -9.31 5.20 -1.01
CA LEU B 218 -9.96 4.84 -2.27
C LEU B 218 -10.95 5.91 -2.62
N ASP B 219 -10.58 6.78 -3.55
CA ASP B 219 -11.44 7.88 -4.01
C ASP B 219 -12.17 7.34 -5.23
N LEU B 220 -13.26 6.58 -4.97
CA LEU B 220 -13.98 5.81 -5.97
C LEU B 220 -14.67 6.71 -6.97
N LYS B 221 -14.60 6.30 -8.23
CA LYS B 221 -15.14 6.96 -9.40
C LYS B 221 -15.69 5.92 -10.36
N ALA B 222 -16.29 6.37 -11.46
CA ALA B 222 -16.74 5.53 -12.56
C ALA B 222 -15.56 4.70 -13.05
N GLY B 223 -15.75 3.38 -13.17
CA GLY B 223 -14.69 2.45 -13.60
C GLY B 223 -13.99 1.75 -12.45
N SER B 224 -14.17 2.25 -11.20
CA SER B 224 -13.59 1.65 -9.99
C SER B 224 -14.30 0.34 -9.58
N THR B 225 -13.58 -0.54 -8.90
CA THR B 225 -14.09 -1.81 -8.35
C THR B 225 -13.62 -1.86 -6.92
N LEU B 226 -14.43 -2.45 -6.07
CA LEU B 226 -14.15 -2.63 -4.67
C LEU B 226 -14.10 -4.14 -4.36
N SER B 227 -13.06 -4.59 -3.68
CA SER B 227 -12.96 -5.99 -3.32
C SER B 227 -12.95 -6.17 -1.81
N VAL B 228 -13.70 -7.15 -1.35
CA VAL B 228 -13.76 -7.52 0.05
C VAL B 228 -13.05 -8.84 0.10
N ARG B 229 -11.94 -8.88 0.83
CA ARG B 229 -11.10 -10.05 0.90
C ARG B 229 -11.13 -10.63 2.27
N LEU B 230 -11.76 -11.80 2.38
CA LEU B 230 -11.91 -12.43 3.68
C LEU B 230 -10.76 -13.35 3.99
N SER B 231 -10.22 -13.21 5.22
CA SER B 231 -9.15 -14.04 5.78
C SER B 231 -8.91 -13.70 7.22
N LYS B 232 -8.04 -14.50 7.84
CA LYS B 232 -7.56 -14.37 9.22
CA LYS B 232 -7.59 -14.31 9.21
C LYS B 232 -6.14 -13.79 9.21
N LYS B 233 -5.59 -13.45 8.02
CA LYS B 233 -4.23 -12.91 7.80
C LYS B 233 -3.90 -11.64 8.60
N PHE B 234 -4.92 -10.82 8.89
CA PHE B 234 -4.71 -9.55 9.57
C PHE B 234 -5.48 -9.46 10.89
N GLY B 235 -5.73 -10.61 11.51
CA GLY B 235 -6.46 -10.74 12.76
C GLY B 235 -5.98 -9.85 13.90
N GLY B 236 -4.67 -9.78 14.08
CA GLY B 236 -4.05 -8.98 15.14
C GLY B 236 -3.68 -7.57 14.72
N GLY B 237 -3.69 -7.32 13.43
CA GLY B 237 -3.33 -6.03 12.88
C GLY B 237 -2.56 -6.16 11.61
N ILE B 238 -1.74 -5.15 11.29
CA ILE B 238 -0.99 -5.14 10.02
C ILE B 238 0.50 -4.81 10.21
N ILE B 239 1.30 -5.17 9.19
CA ILE B 239 2.72 -4.85 9.07
C ILE B 239 2.83 -3.83 7.95
N ASP B 240 3.47 -2.71 8.23
CA ASP B 240 3.71 -1.63 7.27
C ASP B 240 5.14 -1.14 7.45
N GLY B 241 5.70 -0.44 6.48
CA GLY B 241 7.05 0.09 6.59
C GLY B 241 7.35 1.09 5.48
N ASN B 242 8.50 1.76 5.57
CA ASN B 242 8.92 2.68 4.51
C ASN B 242 10.27 2.23 3.99
N VAL B 243 10.56 2.60 2.77
CA VAL B 243 11.77 2.23 2.07
C VAL B 243 12.43 3.52 1.62
N PRO B 244 13.17 4.23 2.48
CA PRO B 244 13.85 5.43 1.99
C PRO B 244 15.11 5.12 1.19
N LEU B 245 15.76 6.16 0.70
CA LEU B 245 17.01 6.05 -0.01
C LEU B 245 17.99 7.07 0.50
N TYR B 246 19.06 6.64 1.16
CA TYR B 246 20.08 7.56 1.61
C TYR B 246 20.77 8.19 0.39
N ARG B 247 21.28 9.43 0.54
CA ARG B 247 21.99 10.17 -0.50
C ARG B 247 23.37 9.55 -0.81
#